data_8QFU
#
_entry.id   8QFU
#
_cell.length_a   49.710
_cell.length_b   53.820
_cell.length_c   60.480
_cell.angle_alpha   90.110
_cell.angle_beta   96.980
_cell.angle_gamma   94.660
#
_symmetry.space_group_name_H-M   'P 1'
#
loop_
_entity.id
_entity.type
_entity.pdbx_description
1 polymer 'YD repeat-containing protein'
2 non-polymer '4-(2-HYDROXYETHYL)-1-PIPERAZINE ETHANESULFONIC ACID'
3 water water
#
_entity_poly.entity_id   1
_entity_poly.type   'polypeptide(L)'
_entity_poly.pdbx_seq_one_letter_code
;MAHHHHHHSSGLEVLFQGPMTERLETRPQALLIKVPTEIVVKVVDDVDVAAPAVGQVGKFDDELYDEAGAQIGTSSGNFR
IEYVRPTDGGLLTYFQEDITLSDGVIHAEGWADFNDVRTSKWVFYPATGVSGRYLGLTGFRQWRMTGVRKSAEARILLGE
;
_entity_poly.pdbx_strand_id   A,B,C,D
#
loop_
_chem_comp.id
_chem_comp.type
_chem_comp.name
_chem_comp.formula
EPE non-polymer '4-(2-HYDROXYETHYL)-1-PIPERAZINE ETHANESULFONIC ACID' 'C8 H18 N2 O4 S'
#
# COMPACT_ATOMS: atom_id res chain seq x y z
N PRO A 28 -27.25 -16.84 -4.29
CA PRO A 28 -28.46 -17.03 -5.13
C PRO A 28 -28.08 -16.86 -6.62
N GLN A 29 -28.98 -16.37 -7.48
CA GLN A 29 -28.48 -15.71 -8.67
C GLN A 29 -28.09 -14.29 -8.29
N ALA A 30 -29.00 -13.43 -7.76
CA ALA A 30 -28.68 -12.04 -7.45
C ALA A 30 -29.27 -11.60 -6.11
N LEU A 31 -28.55 -10.78 -5.39
CA LEU A 31 -28.93 -10.34 -4.03
C LEU A 31 -28.72 -8.85 -3.90
N LEU A 32 -29.70 -8.14 -3.39
CA LEU A 32 -29.54 -6.76 -3.05
C LEU A 32 -29.76 -6.65 -1.54
N ILE A 33 -28.74 -6.14 -0.84
CA ILE A 33 -28.84 -5.85 0.56
C ILE A 33 -29.00 -4.37 0.66
N LYS A 34 -30.16 -3.91 1.17
CA LYS A 34 -30.38 -2.50 1.42
C LYS A 34 -29.95 -2.16 2.84
N VAL A 35 -29.24 -1.05 2.97
CA VAL A 35 -28.70 -0.60 4.25
C VAL A 35 -29.16 0.85 4.41
N PRO A 36 -30.43 1.09 4.77
CA PRO A 36 -30.94 2.45 4.84
C PRO A 36 -30.25 3.39 5.78
N THR A 37 -29.62 2.83 6.82
CA THR A 37 -28.82 3.59 7.74
C THR A 37 -27.50 2.87 8.04
N GLU A 38 -26.43 3.57 7.83
CA GLU A 38 -25.13 3.12 8.23
C GLU A 38 -24.52 4.24 9.06
N ILE A 39 -24.25 3.93 10.34
CA ILE A 39 -23.73 4.91 11.32
C ILE A 39 -22.22 4.72 11.47
N VAL A 40 -21.49 5.82 11.41
CA VAL A 40 -20.07 5.78 11.69
C VAL A 40 -19.87 5.89 13.19
N VAL A 41 -19.39 4.82 13.82
CA VAL A 41 -19.26 4.76 15.27
C VAL A 41 -17.86 5.18 15.70
N LYS A 42 -16.88 5.16 14.78
CA LYS A 42 -15.53 5.60 15.09
C LYS A 42 -14.87 5.99 13.78
N VAL A 43 -14.34 7.21 13.67
CA VAL A 43 -13.49 7.63 12.56
C VAL A 43 -12.25 8.38 13.09
N VAL A 44 -11.07 7.87 12.73
CA VAL A 44 -9.80 8.53 13.03
C VAL A 44 -9.21 8.89 11.67
N ASP A 45 -9.04 10.18 11.37
CA ASP A 45 -8.48 10.60 10.08
C ASP A 45 -7.65 11.85 10.26
N ASP A 46 -6.98 12.27 9.17
CA ASP A 46 -6.23 13.54 9.13
C ASP A 46 -6.65 14.34 7.90
N VAL A 47 -7.90 14.15 7.47
CA VAL A 47 -8.43 14.80 6.28
C VAL A 47 -8.66 16.25 6.66
N ASP A 48 -8.13 17.18 5.86
CA ASP A 48 -8.34 18.60 6.10
C ASP A 48 -9.74 18.95 5.59
N VAL A 49 -10.65 19.19 6.54
CA VAL A 49 -12.02 19.54 6.21
C VAL A 49 -11.95 20.71 5.23
N ALA A 50 -12.88 20.75 4.28
CA ALA A 50 -12.95 21.79 3.27
C ALA A 50 -11.78 21.72 2.27
N ALA A 51 -10.56 21.38 2.72
CA ALA A 51 -9.42 21.32 1.81
C ALA A 51 -8.79 19.91 1.84
N PRO A 52 -9.52 18.83 1.51
CA PRO A 52 -8.92 17.48 1.47
C PRO A 52 -7.78 17.39 0.48
N ALA A 53 -6.77 16.54 0.77
CA ALA A 53 -5.60 16.50 -0.09
C ALA A 53 -4.99 15.10 -0.16
N VAL A 54 -4.21 14.89 -1.22
CA VAL A 54 -3.42 13.68 -1.43
C VAL A 54 -2.59 13.36 -0.17
N GLY A 55 -2.65 12.10 0.25
CA GLY A 55 -1.89 11.61 1.39
C GLY A 55 -2.67 11.58 2.68
N GLN A 56 -3.86 12.22 2.73
CA GLN A 56 -4.72 12.10 3.87
C GLN A 56 -5.39 10.73 3.87
N VAL A 57 -5.53 10.24 5.08
CA VAL A 57 -5.97 8.90 5.40
C VAL A 57 -7.07 8.94 6.46
N GLY A 58 -7.81 7.83 6.58
CA GLY A 58 -8.89 7.66 7.52
C GLY A 58 -9.13 6.19 7.79
N LYS A 59 -9.60 5.91 8.99
CA LYS A 59 -10.00 4.60 9.47
C LYS A 59 -11.42 4.75 9.99
N PHE A 60 -12.29 3.79 9.72
CA PHE A 60 -13.69 3.89 10.08
C PHE A 60 -14.18 2.55 10.54
N ASP A 61 -15.13 2.63 11.49
CA ASP A 61 -15.86 1.52 11.98
C ASP A 61 -17.32 1.94 11.94
N ASP A 62 -18.17 1.11 11.27
CA ASP A 62 -19.56 1.48 11.03
C ASP A 62 -20.47 0.38 11.51
N GLU A 63 -21.74 0.75 11.84
CA GLU A 63 -22.75 -0.22 12.10
C GLU A 63 -23.84 -0.03 11.03
N LEU A 64 -24.38 -1.16 10.57
CA LEU A 64 -25.30 -1.22 9.44
C LEU A 64 -26.66 -1.68 9.92
N TYR A 65 -27.72 -0.98 9.46
CA TYR A 65 -29.09 -1.26 9.87
C TYR A 65 -30.03 -1.45 8.69
N ASP A 66 -30.97 -2.39 8.86
CA ASP A 66 -31.93 -2.69 7.85
C ASP A 66 -33.19 -1.81 7.97
N GLU A 67 -34.18 -2.06 7.11
CA GLU A 67 -35.35 -1.18 6.95
CA GLU A 67 -35.37 -1.20 6.95
C GLU A 67 -36.20 -1.09 8.22
N ALA A 68 -36.08 -2.07 9.11
CA ALA A 68 -36.78 -2.09 10.39
C ALA A 68 -35.96 -1.52 11.53
N GLY A 69 -34.79 -0.98 11.24
CA GLY A 69 -33.93 -0.39 12.26
C GLY A 69 -33.15 -1.42 13.12
N ALA A 70 -33.04 -2.66 12.64
CA ALA A 70 -32.30 -3.70 13.35
C ALA A 70 -30.86 -3.72 12.82
N GLN A 71 -29.87 -3.77 13.72
CA GLN A 71 -28.47 -3.86 13.27
C GLN A 71 -28.28 -5.18 12.53
N ILE A 72 -27.74 -5.12 11.31
CA ILE A 72 -27.44 -6.28 10.47
C ILE A 72 -25.96 -6.58 10.38
N GLY A 73 -25.09 -5.64 10.75
CA GLY A 73 -23.68 -5.91 10.74
C GLY A 73 -22.88 -4.69 11.06
N THR A 74 -21.59 -4.84 10.80
CA THR A 74 -20.60 -3.82 10.98
C THR A 74 -19.70 -3.77 9.77
N SER A 75 -18.94 -2.65 9.64
CA SER A 75 -17.82 -2.61 8.72
C SER A 75 -16.64 -1.95 9.36
N SER A 76 -15.47 -2.35 8.92
CA SER A 76 -14.23 -1.76 9.36
C SER A 76 -13.39 -1.57 8.13
N GLY A 77 -12.92 -0.34 7.90
CA GLY A 77 -12.15 -0.11 6.72
C GLY A 77 -11.24 1.10 6.88
N ASN A 78 -10.59 1.44 5.79
CA ASN A 78 -9.74 2.60 5.74
C ASN A 78 -9.69 3.16 4.34
N PHE A 79 -9.12 4.36 4.21
CA PHE A 79 -8.95 4.98 2.92
C PHE A 79 -7.73 5.86 2.91
N ARG A 80 -7.30 6.13 1.70
CA ARG A 80 -6.21 7.09 1.45
C ARG A 80 -6.51 7.85 0.22
N ILE A 81 -6.44 9.18 0.29
CA ILE A 81 -6.50 9.99 -0.89
C ILE A 81 -5.17 9.88 -1.64
N GLU A 82 -5.25 9.48 -2.89
CA GLU A 82 -4.14 8.99 -3.67
C GLU A 82 -3.65 9.95 -4.74
N TYR A 83 -4.57 10.57 -5.50
CA TYR A 83 -4.17 11.40 -6.61
C TYR A 83 -5.31 12.31 -7.04
N VAL A 84 -4.92 13.37 -7.76
CA VAL A 84 -5.86 14.31 -8.32
C VAL A 84 -6.09 13.94 -9.77
N ARG A 85 -7.37 13.72 -10.10
CA ARG A 85 -7.75 13.34 -11.44
C ARG A 85 -7.73 14.64 -12.25
N PRO A 86 -6.92 14.72 -13.33
CA PRO A 86 -6.80 15.96 -14.10
C PRO A 86 -8.04 16.42 -14.86
N THR A 87 -8.96 15.51 -15.21
CA THR A 87 -10.12 15.89 -15.99
C THR A 87 -11.07 16.80 -15.23
N ASP A 88 -11.21 16.62 -13.91
CA ASP A 88 -12.22 17.37 -13.18
C ASP A 88 -11.70 17.83 -11.81
N GLY A 89 -10.44 17.60 -11.49
CA GLY A 89 -9.96 17.84 -10.15
C GLY A 89 -10.48 16.85 -9.09
N GLY A 90 -11.10 15.73 -9.49
CA GLY A 90 -11.44 14.70 -8.49
C GLY A 90 -10.30 14.32 -7.52
N LEU A 91 -10.64 14.08 -6.25
CA LEU A 91 -9.70 13.55 -5.29
C LEU A 91 -9.92 12.04 -5.18
N LEU A 92 -9.14 11.33 -6.00
CA LEU A 92 -9.34 9.90 -6.17
C LEU A 92 -8.72 9.17 -4.99
N THR A 93 -9.62 8.44 -4.31
CA THR A 93 -9.38 7.92 -3.00
C THR A 93 -9.61 6.41 -3.05
N TYR A 94 -8.75 5.66 -2.41
CA TYR A 94 -8.78 4.22 -2.45
C TYR A 94 -9.30 3.76 -1.11
N PHE A 95 -10.46 3.06 -1.13
CA PHE A 95 -11.15 2.52 0.03
C PHE A 95 -10.96 1.01 0.11
N GLN A 96 -10.85 0.49 1.33
CA GLN A 96 -10.86 -0.94 1.59
CA GLN A 96 -10.85 -0.94 1.60
C GLN A 96 -11.64 -1.18 2.87
N GLU A 97 -12.53 -2.20 2.85
CA GLU A 97 -13.25 -2.52 4.08
C GLU A 97 -13.71 -3.97 4.06
N ASP A 98 -13.90 -4.48 5.23
CA ASP A 98 -14.54 -5.75 5.47
C ASP A 98 -15.88 -5.49 6.16
N ILE A 99 -16.96 -6.01 5.59
CA ILE A 99 -18.32 -5.85 6.05
C ILE A 99 -18.77 -7.18 6.60
N THR A 100 -18.93 -7.22 7.94
CA THR A 100 -19.34 -8.40 8.65
C THR A 100 -20.82 -8.36 8.91
N LEU A 101 -21.56 -9.26 8.28
CA LEU A 101 -23.00 -9.37 8.49
C LEU A 101 -23.20 -10.58 9.37
N SER A 102 -24.45 -10.85 9.73
CA SER A 102 -24.78 -11.93 10.65
C SER A 102 -24.50 -13.29 10.00
N ASP A 103 -24.52 -13.43 8.68
CA ASP A 103 -24.41 -14.72 8.03
C ASP A 103 -23.24 -14.79 7.03
N GLY A 104 -22.28 -13.87 7.15
CA GLY A 104 -21.10 -13.94 6.29
C GLY A 104 -20.37 -12.63 6.26
N VAL A 105 -19.28 -12.60 5.53
CA VAL A 105 -18.41 -11.46 5.41
C VAL A 105 -18.21 -11.11 3.92
N ILE A 106 -18.16 -9.81 3.66
CA ILE A 106 -17.99 -9.23 2.31
C ILE A 106 -16.86 -8.25 2.36
N HIS A 107 -15.88 -8.48 1.49
CA HIS A 107 -14.79 -7.55 1.34
C HIS A 107 -15.16 -6.56 0.24
N ALA A 108 -14.75 -5.33 0.38
CA ALA A 108 -14.97 -4.38 -0.70
C ALA A 108 -13.80 -3.44 -0.78
N GLU A 109 -13.39 -3.11 -1.98
CA GLU A 109 -12.28 -2.17 -2.16
C GLU A 109 -12.31 -1.56 -3.55
N GLY A 110 -11.84 -0.33 -3.63
CA GLY A 110 -11.71 0.37 -4.87
C GLY A 110 -11.67 1.87 -4.73
N TRP A 111 -11.91 2.51 -5.89
CA TRP A 111 -11.76 3.95 -6.08
C TRP A 111 -13.07 4.72 -5.87
N ALA A 112 -13.00 5.91 -5.27
CA ALA A 112 -14.07 6.86 -5.22
C ALA A 112 -13.47 8.25 -5.23
N ASP A 113 -14.28 9.19 -5.72
CA ASP A 113 -13.94 10.60 -5.71
C ASP A 113 -14.36 11.19 -4.37
N PHE A 114 -13.37 11.68 -3.59
CA PHE A 114 -13.70 12.20 -2.27
C PHE A 114 -14.56 13.47 -2.40
N ASN A 115 -14.52 14.13 -3.54
CA ASN A 115 -15.40 15.27 -3.75
C ASN A 115 -16.85 14.83 -3.84
N ASP A 116 -17.09 13.60 -4.28
CA ASP A 116 -18.45 13.05 -4.19
C ASP A 116 -18.79 12.66 -2.76
N VAL A 117 -17.86 12.00 -2.05
CA VAL A 117 -18.05 11.62 -0.70
C VAL A 117 -18.57 12.84 0.05
N ARG A 118 -17.87 13.97 -0.08
CA ARG A 118 -18.16 15.08 0.85
C ARG A 118 -19.33 15.92 0.38
N THR A 119 -19.96 15.63 -0.76
CA THR A 119 -21.10 16.36 -1.26
C THR A 119 -22.33 15.45 -1.28
N SER A 120 -22.28 14.36 -0.46
CA SER A 120 -23.41 13.44 -0.35
C SER A 120 -23.88 12.87 -1.69
N LYS A 121 -22.96 12.55 -2.59
CA LYS A 121 -23.24 11.80 -3.79
C LYS A 121 -22.82 10.32 -3.62
N TRP A 122 -23.57 9.44 -4.31
CA TRP A 122 -23.25 7.99 -4.24
C TRP A 122 -21.83 7.76 -4.74
N VAL A 123 -21.12 6.84 -4.11
CA VAL A 123 -19.88 6.26 -4.60
C VAL A 123 -20.03 4.74 -4.54
N PHE A 124 -19.12 4.04 -5.20
CA PHE A 124 -19.23 2.59 -5.22
C PHE A 124 -17.84 2.01 -5.49
N TYR A 125 -17.67 0.74 -5.20
CA TYR A 125 -16.46 -0.01 -5.59
C TYR A 125 -16.75 -1.48 -5.51
N PRO A 126 -15.98 -2.34 -6.17
CA PRO A 126 -16.24 -3.78 -6.15
C PRO A 126 -16.26 -4.43 -4.78
N ALA A 127 -17.08 -5.45 -4.69
CA ALA A 127 -17.30 -6.23 -3.48
C ALA A 127 -17.19 -7.70 -3.84
N THR A 128 -16.62 -8.45 -2.91
CA THR A 128 -16.37 -9.87 -3.05
C THR A 128 -16.81 -10.56 -1.77
N GLY A 129 -17.73 -11.51 -1.84
CA GLY A 129 -18.10 -12.31 -0.67
C GLY A 129 -16.98 -13.26 -0.32
N VAL A 130 -16.52 -13.24 0.94
CA VAL A 130 -15.37 -14.06 1.35
C VAL A 130 -15.73 -15.13 2.35
N SER A 131 -16.96 -15.15 2.95
CA SER A 131 -17.36 -16.26 3.81
C SER A 131 -18.84 -16.29 4.06
N GLY A 132 -19.33 -17.47 4.50
CA GLY A 132 -20.71 -17.67 4.81
C GLY A 132 -21.56 -17.67 3.54
N ARG A 133 -22.70 -17.02 3.68
CA ARG A 133 -23.69 -16.92 2.63
C ARG A 133 -23.08 -16.27 1.37
N TYR A 134 -22.07 -15.44 1.54
CA TYR A 134 -21.66 -14.59 0.43
C TYR A 134 -20.48 -15.19 -0.34
N LEU A 135 -19.90 -16.28 0.16
CA LEU A 135 -18.81 -16.91 -0.61
C LEU A 135 -19.20 -17.25 -2.03
N GLY A 136 -18.38 -16.76 -2.95
CA GLY A 136 -18.59 -17.02 -4.35
C GLY A 136 -19.29 -15.85 -5.03
N LEU A 137 -19.94 -14.99 -4.26
CA LEU A 137 -20.74 -13.90 -4.87
C LEU A 137 -19.82 -12.71 -5.04
N THR A 138 -20.02 -11.96 -6.14
CA THR A 138 -19.29 -10.73 -6.33
C THR A 138 -20.25 -9.66 -6.88
N GLY A 139 -19.85 -8.42 -6.72
CA GLY A 139 -20.69 -7.31 -7.17
C GLY A 139 -20.08 -6.04 -6.66
N PHE A 140 -20.92 -5.24 -6.00
CA PHE A 140 -20.58 -3.86 -5.73
C PHE A 140 -21.10 -3.39 -4.39
N ARG A 141 -20.29 -2.60 -3.72
CA ARG A 141 -20.66 -1.89 -2.50
C ARG A 141 -20.93 -0.44 -2.89
N GLN A 142 -22.05 0.14 -2.43
CA GLN A 142 -22.39 1.51 -2.76
C GLN A 142 -22.83 2.22 -1.49
N TRP A 143 -22.44 3.49 -1.34
CA TRP A 143 -22.92 4.27 -0.21
C TRP A 143 -22.89 5.77 -0.55
N ARG A 144 -23.63 6.51 0.29
CA ARG A 144 -23.74 7.96 0.21
C ARG A 144 -23.85 8.55 1.63
N MET A 145 -23.05 9.56 1.92
CA MET A 145 -23.21 10.25 3.21
C MET A 145 -24.47 11.09 3.13
N THR A 146 -25.28 11.14 4.19
CA THR A 146 -26.56 11.85 4.06
C THR A 146 -26.44 13.24 4.73
N GLY A 147 -27.55 14.00 4.74
CA GLY A 147 -27.61 15.21 5.57
C GLY A 147 -27.32 14.99 7.07
N VAL A 148 -27.55 13.78 7.58
CA VAL A 148 -27.58 13.48 9.02
C VAL A 148 -26.16 13.22 9.54
N ARG A 149 -25.81 13.87 10.67
CA ARG A 149 -24.54 13.69 11.38
C ARG A 149 -24.09 12.21 11.39
N LYS A 150 -22.90 11.93 10.80
CA LYS A 150 -22.17 10.67 10.94
C LYS A 150 -22.95 9.47 10.38
N SER A 151 -23.80 9.72 9.38
CA SER A 151 -24.75 8.75 8.86
C SER A 151 -24.59 8.63 7.36
N ALA A 152 -24.75 7.42 6.88
CA ALA A 152 -24.80 7.17 5.45
C ALA A 152 -25.99 6.30 5.14
N GLU A 153 -26.22 6.10 3.84
CA GLU A 153 -27.11 5.08 3.37
C GLU A 153 -26.30 4.21 2.38
N ALA A 154 -26.62 2.95 2.25
CA ALA A 154 -25.77 2.06 1.44
C ALA A 154 -26.60 0.96 0.79
N ARG A 155 -25.93 0.25 -0.14
CA ARG A 155 -26.51 -0.87 -0.86
C ARG A 155 -25.36 -1.82 -1.18
N ILE A 156 -25.58 -3.14 -1.11
CA ILE A 156 -24.62 -4.11 -1.59
C ILE A 156 -25.37 -4.98 -2.58
N LEU A 157 -24.85 -5.04 -3.79
CA LEU A 157 -25.45 -5.78 -4.87
C LEU A 157 -24.47 -6.84 -5.31
N LEU A 158 -24.88 -8.09 -5.19
CA LEU A 158 -24.06 -9.24 -5.48
C LEU A 158 -24.76 -10.20 -6.43
N GLY A 159 -23.91 -10.93 -7.18
CA GLY A 159 -24.46 -12.01 -7.96
C GLY A 159 -23.48 -13.17 -8.03
N GLU A 160 -24.01 -14.29 -8.48
CA GLU A 160 -23.17 -15.46 -8.63
C GLU A 160 -22.21 -15.41 -9.81
N PRO B 28 -38.84 -9.23 -8.71
CA PRO B 28 -37.52 -9.43 -8.06
C PRO B 28 -36.77 -8.13 -7.77
N GLN B 29 -36.20 -8.01 -6.55
CA GLN B 29 -35.54 -6.75 -6.23
C GLN B 29 -34.10 -6.66 -6.79
N ALA B 30 -33.50 -7.77 -7.24
CA ALA B 30 -32.22 -7.79 -7.91
C ALA B 30 -32.25 -8.79 -9.06
N LEU B 31 -31.47 -8.48 -10.09
CA LEU B 31 -31.36 -9.26 -11.31
CA LEU B 31 -31.37 -9.25 -11.34
C LEU B 31 -29.92 -9.30 -11.77
N LEU B 32 -29.45 -10.50 -12.20
CA LEU B 32 -28.17 -10.73 -12.82
C LEU B 32 -28.44 -11.24 -14.23
N ILE B 33 -27.97 -10.52 -15.24
CA ILE B 33 -28.01 -10.99 -16.62
C ILE B 33 -26.60 -11.42 -16.99
N LYS B 34 -26.40 -12.74 -17.18
CA LYS B 34 -25.13 -13.26 -17.60
C LYS B 34 -25.08 -13.25 -19.12
N VAL B 35 -23.96 -12.78 -19.64
CA VAL B 35 -23.72 -12.66 -21.08
C VAL B 35 -22.44 -13.43 -21.41
N PRO B 36 -22.53 -14.78 -21.60
CA PRO B 36 -21.33 -15.60 -21.81
C PRO B 36 -20.52 -15.26 -23.05
N THR B 37 -21.18 -14.71 -24.07
CA THR B 37 -20.47 -14.23 -25.25
C THR B 37 -21.05 -12.89 -25.70
N GLU B 38 -20.17 -11.93 -25.82
CA GLU B 38 -20.49 -10.68 -26.47
C GLU B 38 -19.47 -10.47 -27.56
N ILE B 39 -19.97 -10.27 -28.78
CA ILE B 39 -19.15 -10.15 -29.98
C ILE B 39 -19.16 -8.72 -30.47
N VAL B 40 -17.97 -8.22 -30.83
CA VAL B 40 -17.86 -6.91 -31.48
C VAL B 40 -18.09 -7.10 -32.98
N VAL B 41 -19.20 -6.55 -33.49
CA VAL B 41 -19.57 -6.71 -34.89
C VAL B 41 -19.03 -5.54 -35.71
N LYS B 42 -18.84 -4.38 -35.10
CA LYS B 42 -18.39 -3.19 -35.81
C LYS B 42 -17.63 -2.35 -34.80
N VAL B 43 -16.41 -1.95 -35.15
CA VAL B 43 -15.62 -1.04 -34.32
C VAL B 43 -14.86 -0.05 -35.22
N VAL B 44 -14.93 1.25 -34.89
CA VAL B 44 -14.13 2.25 -35.58
C VAL B 44 -13.34 2.99 -34.50
N ASP B 45 -12.00 2.90 -34.53
CA ASP B 45 -11.17 3.56 -33.53
C ASP B 45 -9.84 4.03 -34.12
N ASP B 46 -9.17 4.93 -33.38
CA ASP B 46 -7.79 5.35 -33.63
C ASP B 46 -6.90 4.91 -32.46
N VAL B 47 -7.25 3.77 -31.84
CA VAL B 47 -6.44 3.25 -30.77
C VAL B 47 -5.25 2.53 -31.38
N ASP B 48 -4.07 3.01 -30.96
CA ASP B 48 -2.78 2.44 -31.33
C ASP B 48 -2.64 1.11 -30.59
N VAL B 49 -2.73 0.00 -31.34
CA VAL B 49 -2.73 -1.35 -30.81
C VAL B 49 -1.46 -1.64 -30.00
N ALA B 50 -0.31 -1.07 -30.39
CA ALA B 50 0.95 -1.36 -29.73
C ALA B 50 1.13 -0.51 -28.47
N ALA B 51 0.67 0.75 -28.50
CA ALA B 51 0.80 1.66 -27.37
C ALA B 51 -0.45 2.57 -27.29
N PRO B 52 -1.57 2.05 -26.77
CA PRO B 52 -2.77 2.87 -26.61
C PRO B 52 -2.35 4.16 -25.93
N ALA B 53 -3.02 5.27 -26.25
CA ALA B 53 -2.67 6.52 -25.62
C ALA B 53 -3.89 7.42 -25.44
N VAL B 54 -3.71 8.40 -24.55
CA VAL B 54 -4.64 9.41 -24.18
C VAL B 54 -5.08 10.14 -25.45
N GLY B 55 -6.37 10.46 -25.54
CA GLY B 55 -6.95 11.16 -26.66
C GLY B 55 -7.53 10.23 -27.72
N GLN B 56 -7.14 8.95 -27.69
CA GLN B 56 -7.66 7.97 -28.62
C GLN B 56 -9.13 7.69 -28.27
N VAL B 57 -9.91 7.33 -29.30
CA VAL B 57 -11.36 7.14 -29.22
C VAL B 57 -11.74 5.90 -30.04
N GLY B 58 -12.91 5.36 -29.73
CA GLY B 58 -13.50 4.29 -30.49
C GLY B 58 -15.02 4.31 -30.39
N LYS B 59 -15.64 3.65 -31.35
CA LYS B 59 -17.07 3.42 -31.43
C LYS B 59 -17.26 1.92 -31.60
N PHE B 60 -18.23 1.32 -30.90
CA PHE B 60 -18.47 -0.10 -31.03
C PHE B 60 -19.96 -0.38 -31.12
N ASP B 61 -20.22 -1.52 -31.74
CA ASP B 61 -21.50 -2.15 -31.87
C ASP B 61 -21.29 -3.63 -31.58
N ASP B 62 -22.03 -4.14 -30.62
CA ASP B 62 -21.90 -5.52 -30.21
C ASP B 62 -23.21 -6.27 -30.29
N GLU B 63 -23.06 -7.60 -30.25
CA GLU B 63 -24.14 -8.55 -30.15
C GLU B 63 -23.93 -9.38 -28.87
N LEU B 64 -25.01 -9.54 -28.07
CA LEU B 64 -24.93 -10.22 -26.80
C LEU B 64 -25.67 -11.54 -26.93
N TYR B 65 -25.08 -12.62 -26.42
CA TYR B 65 -25.63 -13.96 -26.47
C TYR B 65 -25.74 -14.64 -25.11
N ASP B 66 -26.80 -15.44 -24.93
CA ASP B 66 -27.06 -16.23 -23.73
C ASP B 66 -26.36 -17.60 -23.78
N GLU B 67 -26.51 -18.36 -22.70
CA GLU B 67 -25.79 -19.64 -22.49
C GLU B 67 -26.14 -20.69 -23.58
N ALA B 68 -27.23 -20.49 -24.36
CA ALA B 68 -27.60 -21.44 -25.39
C ALA B 68 -27.25 -20.94 -26.78
N GLY B 69 -26.55 -19.82 -26.89
CA GLY B 69 -26.07 -19.23 -28.12
C GLY B 69 -27.14 -18.40 -28.83
N ALA B 70 -28.21 -18.04 -28.10
CA ALA B 70 -29.27 -17.18 -28.64
C ALA B 70 -28.90 -15.70 -28.45
N GLN B 71 -29.07 -14.89 -29.48
CA GLN B 71 -28.84 -13.47 -29.33
C GLN B 71 -29.89 -12.93 -28.36
N ILE B 72 -29.43 -12.18 -27.34
CA ILE B 72 -30.33 -11.55 -26.39
C ILE B 72 -30.37 -10.03 -26.52
N GLY B 73 -29.48 -9.45 -27.31
CA GLY B 73 -29.47 -8.02 -27.52
C GLY B 73 -28.25 -7.53 -28.24
N THR B 74 -28.11 -6.22 -28.25
CA THR B 74 -27.06 -5.46 -28.86
C THR B 74 -26.63 -4.36 -27.90
N SER B 75 -25.47 -3.82 -28.18
CA SER B 75 -25.01 -2.64 -27.50
C SER B 75 -24.31 -1.77 -28.52
N SER B 76 -24.51 -0.46 -28.35
CA SER B 76 -23.85 0.56 -29.13
C SER B 76 -23.25 1.59 -28.20
N GLY B 77 -21.96 1.90 -28.36
CA GLY B 77 -21.37 2.89 -27.53
C GLY B 77 -20.04 3.39 -28.04
N ASN B 78 -19.37 4.16 -27.20
CA ASN B 78 -18.11 4.77 -27.54
C ASN B 78 -17.27 4.95 -26.29
N PHE B 79 -15.98 5.20 -26.50
CA PHE B 79 -15.05 5.47 -25.45
C PHE B 79 -14.02 6.52 -25.84
N ARG B 80 -13.36 7.06 -24.83
CA ARG B 80 -12.23 8.00 -24.95
C ARG B 80 -11.23 7.80 -23.83
N ILE B 81 -9.95 7.55 -24.19
CA ILE B 81 -8.86 7.44 -23.23
C ILE B 81 -8.54 8.84 -22.75
N GLU B 82 -8.62 9.05 -21.43
CA GLU B 82 -8.65 10.40 -20.86
C GLU B 82 -7.39 10.79 -20.10
N TYR B 83 -6.76 9.90 -19.33
CA TYR B 83 -5.62 10.31 -18.53
C TYR B 83 -4.91 9.07 -18.03
N VAL B 84 -3.66 9.25 -17.58
CA VAL B 84 -2.89 8.18 -16.98
C VAL B 84 -2.99 8.30 -15.46
N ARG B 85 -3.40 7.20 -14.82
CA ARG B 85 -3.50 7.16 -13.38
C ARG B 85 -2.10 6.89 -12.83
N PRO B 86 -1.56 7.73 -11.94
CA PRO B 86 -0.22 7.48 -11.38
C PRO B 86 0.07 6.24 -10.52
N THR B 87 -0.94 5.76 -9.83
CA THR B 87 -0.81 4.65 -8.89
C THR B 87 -0.36 3.37 -9.60
N ASP B 88 -0.79 3.20 -10.89
CA ASP B 88 -0.52 1.96 -11.59
C ASP B 88 -0.23 2.18 -13.08
N GLY B 89 -0.11 3.43 -13.54
CA GLY B 89 0.02 3.72 -14.97
C GLY B 89 -1.24 3.40 -15.80
N GLY B 90 -2.37 3.12 -15.13
CA GLY B 90 -3.60 2.80 -15.87
C GLY B 90 -4.03 3.88 -16.84
N LEU B 91 -4.54 3.49 -18.02
CA LEU B 91 -5.06 4.38 -19.03
C LEU B 91 -6.58 4.49 -18.81
N LEU B 92 -6.91 5.49 -18.02
CA LEU B 92 -8.28 5.65 -17.57
C LEU B 92 -9.09 6.18 -18.72
N THR B 93 -10.15 5.43 -19.02
CA THR B 93 -10.95 5.58 -20.22
C THR B 93 -12.43 5.73 -19.85
N TYR B 94 -13.14 6.64 -20.50
CA TYR B 94 -14.53 6.86 -20.21
C TYR B 94 -15.37 6.20 -21.28
N PHE B 95 -16.20 5.21 -20.88
CA PHE B 95 -17.09 4.45 -21.76
C PHE B 95 -18.52 4.92 -21.63
N GLN B 96 -19.32 4.89 -22.74
CA GLN B 96 -20.73 5.19 -22.71
C GLN B 96 -21.41 4.31 -23.71
N GLU B 97 -22.48 3.64 -23.29
CA GLU B 97 -23.21 2.76 -24.18
C GLU B 97 -24.66 2.63 -23.79
N ASP B 98 -25.44 2.16 -24.78
CA ASP B 98 -26.80 1.76 -24.62
C ASP B 98 -26.90 0.31 -25.02
N ILE B 99 -27.41 -0.47 -24.07
CA ILE B 99 -27.62 -1.88 -24.25
C ILE B 99 -29.08 -2.14 -24.48
N THR B 100 -29.43 -2.59 -25.70
CA THR B 100 -30.77 -2.97 -26.06
C THR B 100 -30.94 -4.46 -25.99
N LEU B 101 -31.71 -4.91 -25.03
CA LEU B 101 -32.11 -6.28 -24.82
C LEU B 101 -33.50 -6.42 -25.37
N SER B 102 -33.95 -7.67 -25.50
CA SER B 102 -35.21 -7.95 -26.13
C SER B 102 -36.38 -7.34 -25.34
N ASP B 103 -36.23 -7.17 -24.02
CA ASP B 103 -37.31 -6.67 -23.16
C ASP B 103 -37.02 -5.32 -22.48
N GLY B 104 -36.03 -4.56 -22.95
CA GLY B 104 -35.76 -3.26 -22.35
C GLY B 104 -34.40 -2.78 -22.72
N VAL B 105 -34.08 -1.53 -22.40
CA VAL B 105 -32.86 -0.86 -22.66
C VAL B 105 -32.20 -0.48 -21.30
N ILE B 106 -30.87 -0.60 -21.28
CA ILE B 106 -30.02 -0.26 -20.13
C ILE B 106 -28.92 0.64 -20.66
N HIS B 107 -28.79 1.83 -20.09
CA HIS B 107 -27.72 2.75 -20.30
C HIS B 107 -26.56 2.35 -19.37
N ALA B 108 -25.33 2.51 -19.81
CA ALA B 108 -24.20 2.37 -18.90
C ALA B 108 -23.08 3.31 -19.29
N GLU B 109 -22.44 3.88 -18.30
CA GLU B 109 -21.28 4.74 -18.56
C GLU B 109 -20.40 4.85 -17.32
N GLY B 110 -19.11 5.03 -17.59
CA GLY B 110 -18.15 5.40 -16.58
C GLY B 110 -16.75 4.97 -16.91
N TRP B 111 -15.91 4.93 -15.86
CA TRP B 111 -14.47 4.75 -15.98
C TRP B 111 -14.04 3.29 -16.06
N ALA B 112 -13.01 2.99 -16.86
CA ALA B 112 -12.34 1.71 -16.92
C ALA B 112 -10.88 1.93 -17.34
N ASP B 113 -10.00 1.10 -16.83
CA ASP B 113 -8.59 1.13 -17.18
C ASP B 113 -8.38 0.34 -18.48
N PHE B 114 -7.94 1.02 -19.52
CA PHE B 114 -7.70 0.36 -20.80
C PHE B 114 -6.59 -0.67 -20.72
N ASN B 115 -5.65 -0.59 -19.74
CA ASN B 115 -4.67 -1.64 -19.54
C ASN B 115 -5.31 -2.94 -19.09
N ASP B 116 -6.42 -2.84 -18.34
CA ASP B 116 -7.19 -4.03 -17.97
C ASP B 116 -7.97 -4.55 -19.18
N VAL B 117 -8.56 -3.65 -19.96
CA VAL B 117 -9.33 -4.02 -21.15
C VAL B 117 -8.43 -4.90 -22.04
N ARG B 118 -7.17 -4.43 -22.23
CA ARG B 118 -6.29 -5.10 -23.17
C ARG B 118 -5.59 -6.33 -22.61
N THR B 119 -5.65 -6.61 -21.30
CA THR B 119 -5.05 -7.77 -20.65
C THR B 119 -6.14 -8.75 -20.18
N SER B 120 -7.37 -8.62 -20.70
CA SER B 120 -8.40 -9.60 -20.43
C SER B 120 -8.78 -9.62 -18.93
N LYS B 121 -8.79 -8.47 -18.26
CA LYS B 121 -9.28 -8.35 -16.91
C LYS B 121 -10.68 -7.69 -16.95
N TRP B 122 -11.48 -7.96 -15.93
CA TRP B 122 -12.84 -7.41 -15.85
C TRP B 122 -12.74 -5.89 -15.63
N VAL B 123 -13.63 -5.16 -16.32
CA VAL B 123 -13.91 -3.77 -16.06
C VAL B 123 -15.41 -3.63 -15.78
N PHE B 124 -15.81 -2.49 -15.26
CA PHE B 124 -17.18 -2.24 -14.83
C PHE B 124 -17.45 -0.75 -14.84
N TYR B 125 -18.73 -0.41 -14.85
CA TYR B 125 -19.16 0.95 -14.67
C TYR B 125 -20.64 0.96 -14.45
N PRO B 126 -21.17 2.04 -13.83
CA PRO B 126 -22.61 2.09 -13.53
C PRO B 126 -23.55 1.93 -14.72
N ALA B 127 -24.67 1.27 -14.44
CA ALA B 127 -25.72 0.98 -15.40
C ALA B 127 -27.05 1.43 -14.81
N THR B 128 -27.91 1.92 -15.72
CA THR B 128 -29.22 2.44 -15.32
C THR B 128 -30.24 1.90 -16.32
N GLY B 129 -31.27 1.17 -15.87
CA GLY B 129 -32.33 0.76 -16.73
C GLY B 129 -33.19 1.95 -17.14
N VAL B 130 -33.52 1.99 -18.43
CA VAL B 130 -34.21 3.18 -18.94
C VAL B 130 -35.51 2.81 -19.61
N SER B 131 -35.81 1.53 -19.85
CA SER B 131 -37.10 1.14 -20.40
C SER B 131 -37.37 -0.30 -20.19
N GLY B 132 -38.62 -0.69 -20.47
CA GLY B 132 -39.10 -2.04 -20.37
C GLY B 132 -38.94 -2.64 -18.96
N ARG B 133 -38.41 -3.85 -18.95
CA ARG B 133 -38.22 -4.65 -17.76
C ARG B 133 -37.24 -3.95 -16.83
N TYR B 134 -36.36 -3.10 -17.35
CA TYR B 134 -35.27 -2.54 -16.52
C TYR B 134 -35.60 -1.17 -15.93
N LEU B 135 -36.79 -0.62 -16.29
CA LEU B 135 -37.12 0.73 -15.86
C LEU B 135 -36.99 0.85 -14.34
N GLY B 136 -36.26 1.84 -13.90
CA GLY B 136 -36.09 2.15 -12.48
C GLY B 136 -34.95 1.38 -11.82
N LEU B 137 -34.42 0.32 -12.46
CA LEU B 137 -33.37 -0.48 -11.85
C LEU B 137 -32.05 0.20 -12.10
N THR B 138 -31.06 0.00 -11.20
CA THR B 138 -29.75 0.59 -11.34
C THR B 138 -28.74 -0.47 -10.81
N GLY B 139 -27.54 -0.36 -11.31
CA GLY B 139 -26.47 -1.29 -10.93
C GLY B 139 -25.26 -1.04 -11.75
N PHE B 140 -24.75 -2.13 -12.30
CA PHE B 140 -23.44 -2.14 -12.91
C PHE B 140 -23.38 -3.05 -14.15
N ARG B 141 -22.66 -2.52 -15.12
CA ARG B 141 -22.23 -3.20 -16.35
C ARG B 141 -20.81 -3.72 -16.15
N GLN B 142 -20.56 -4.98 -16.48
CA GLN B 142 -19.25 -5.58 -16.31
C GLN B 142 -18.88 -6.35 -17.58
N TRP B 143 -17.63 -6.27 -18.06
CA TRP B 143 -17.26 -7.09 -19.20
C TRP B 143 -15.74 -7.33 -19.12
N ARG B 144 -15.29 -8.32 -19.93
CA ARG B 144 -13.91 -8.77 -19.98
C ARG B 144 -13.66 -9.31 -21.37
N MET B 145 -12.65 -8.76 -22.03
CA MET B 145 -12.20 -9.29 -23.32
C MET B 145 -11.52 -10.64 -23.09
N THR B 146 -11.86 -11.64 -23.90
CA THR B 146 -11.47 -13.01 -23.59
C THR B 146 -10.09 -13.35 -24.15
N GLY B 147 -9.58 -12.55 -25.07
CA GLY B 147 -8.37 -12.96 -25.80
C GLY B 147 -8.65 -13.80 -27.05
N VAL B 148 -9.90 -14.26 -27.22
CA VAL B 148 -10.40 -14.72 -28.52
C VAL B 148 -10.82 -13.51 -29.38
N ARG B 149 -10.37 -13.47 -30.64
CA ARG B 149 -10.83 -12.53 -31.65
C ARG B 149 -12.09 -11.75 -31.22
N LYS B 150 -11.94 -10.49 -30.74
CA LYS B 150 -13.03 -9.54 -30.48
C LYS B 150 -14.32 -10.21 -29.93
N SER B 151 -14.09 -11.08 -28.93
CA SER B 151 -15.16 -11.57 -28.09
C SER B 151 -14.90 -11.21 -26.62
N ALA B 152 -16.00 -11.05 -25.93
CA ALA B 152 -15.95 -10.70 -24.52
C ALA B 152 -16.92 -11.59 -23.83
N GLU B 153 -16.87 -11.53 -22.48
CA GLU B 153 -17.92 -12.01 -21.65
C GLU B 153 -18.41 -10.84 -20.80
N ALA B 154 -19.65 -10.90 -20.37
CA ALA B 154 -20.24 -9.77 -19.64
C ALA B 154 -21.23 -10.21 -18.61
N ARG B 155 -21.55 -9.24 -17.73
CA ARG B 155 -22.56 -9.38 -16.70
C ARG B 155 -23.25 -8.04 -16.53
N ILE B 156 -24.56 -8.07 -16.30
CA ILE B 156 -25.25 -6.86 -15.88
C ILE B 156 -25.96 -7.18 -14.58
N LEU B 157 -25.66 -6.44 -13.51
CA LEU B 157 -26.24 -6.66 -12.23
C LEU B 157 -27.04 -5.43 -11.85
N LEU B 158 -28.32 -5.59 -11.61
CA LEU B 158 -29.25 -4.49 -11.34
C LEU B 158 -30.09 -4.74 -10.10
N GLY B 159 -30.39 -3.66 -9.39
CA GLY B 159 -31.24 -3.72 -8.21
C GLY B 159 -32.29 -2.60 -8.22
N GLU B 160 -33.37 -2.79 -7.47
CA GLU B 160 -34.43 -1.77 -7.35
C GLU B 160 -34.02 -0.63 -6.39
N PRO C 28 38.73 9.23 6.24
CA PRO C 28 37.54 9.69 7.00
C PRO C 28 36.74 8.49 7.53
N GLN C 29 36.24 8.57 8.77
CA GLN C 29 35.77 7.33 9.36
C GLN C 29 34.27 7.13 9.16
N ALA C 30 33.52 8.21 8.88
CA ALA C 30 32.14 8.12 8.44
C ALA C 30 31.96 8.92 7.17
N LEU C 31 30.98 8.51 6.37
CA LEU C 31 30.67 9.14 5.10
C LEU C 31 29.15 9.12 4.92
N LEU C 32 28.61 10.25 4.43
CA LEU C 32 27.21 10.42 4.16
C LEU C 32 27.16 10.77 2.69
N ILE C 33 26.50 9.96 1.89
CA ILE C 33 26.25 10.26 0.49
C ILE C 33 24.81 10.69 0.36
N LYS C 34 24.59 11.96 0.05
CA LYS C 34 23.25 12.46 -0.15
C LYS C 34 22.82 12.23 -1.61
N VAL C 35 21.60 11.73 -1.76
CA VAL C 35 21.08 11.44 -3.08
C VAL C 35 19.74 12.15 -3.16
N PRO C 36 19.73 13.45 -3.50
CA PRO C 36 18.47 14.19 -3.54
C PRO C 36 17.43 13.78 -4.57
N THR C 37 17.87 13.13 -5.63
CA THR C 37 17.00 12.54 -6.60
C THR C 37 17.51 11.18 -7.05
N GLU C 38 16.63 10.21 -6.97
CA GLU C 38 16.82 8.88 -7.54
C GLU C 38 15.62 8.60 -8.44
N ILE C 39 15.91 8.34 -9.72
CA ILE C 39 14.93 8.11 -10.78
C ILE C 39 14.82 6.60 -11.03
N VAL C 40 13.61 6.07 -11.03
CA VAL C 40 13.36 4.71 -11.43
C VAL C 40 13.33 4.69 -12.96
N VAL C 41 14.32 4.11 -13.61
CA VAL C 41 14.39 4.06 -15.08
C VAL C 41 13.67 2.84 -15.68
N LYS C 42 13.64 1.72 -14.97
CA LYS C 42 12.87 0.55 -15.33
C LYS C 42 12.45 -0.17 -14.07
N VAL C 43 11.21 -0.63 -14.10
CA VAL C 43 10.64 -1.39 -13.03
C VAL C 43 9.67 -2.38 -13.63
N VAL C 44 9.85 -3.66 -13.27
CA VAL C 44 8.94 -4.73 -13.60
C VAL C 44 8.40 -5.35 -12.32
N ASP C 45 7.08 -5.27 -12.09
CA ASP C 45 6.55 -5.67 -10.81
C ASP C 45 5.09 -6.06 -10.94
N ASP C 46 4.61 -6.81 -9.97
CA ASP C 46 3.19 -7.11 -9.89
C ASP C 46 2.60 -6.54 -8.59
N VAL C 47 3.16 -5.41 -8.12
CA VAL C 47 2.67 -4.76 -6.92
C VAL C 47 1.40 -3.96 -7.23
N ASP C 48 0.44 -4.05 -6.31
CA ASP C 48 -0.70 -3.17 -6.33
CA ASP C 48 -0.71 -3.18 -6.34
C ASP C 48 -0.44 -2.03 -5.36
N VAL C 49 0.02 -0.86 -5.88
CA VAL C 49 0.49 0.20 -4.99
C VAL C 49 -0.61 0.74 -4.06
N ALA C 50 -1.88 0.72 -4.50
CA ALA C 50 -2.97 1.19 -3.67
C ALA C 50 -3.23 0.21 -2.53
N ALA C 51 -2.94 -1.08 -2.76
CA ALA C 51 -3.32 -2.15 -1.86
C ALA C 51 -2.38 -3.34 -1.98
N PRO C 52 -1.09 -3.20 -1.58
CA PRO C 52 -0.18 -4.29 -1.84
C PRO C 52 -0.53 -5.55 -1.07
N ALA C 53 -0.07 -6.67 -1.58
CA ALA C 53 -0.25 -7.94 -0.89
C ALA C 53 1.02 -8.78 -0.84
N VAL C 54 1.05 -9.68 0.16
CA VAL C 54 2.11 -10.63 0.33
C VAL C 54 2.30 -11.40 -0.98
N GLY C 55 3.55 -11.60 -1.40
CA GLY C 55 3.85 -12.38 -2.59
C GLY C 55 4.13 -11.55 -3.81
N GLN C 56 3.76 -10.24 -3.79
CA GLN C 56 4.07 -9.38 -4.90
C GLN C 56 5.57 -9.08 -4.86
N VAL C 57 6.11 -8.85 -6.05
CA VAL C 57 7.56 -8.77 -6.32
C VAL C 57 7.79 -7.64 -7.31
N GLY C 58 9.03 -7.13 -7.33
CA GLY C 58 9.47 -6.21 -8.35
C GLY C 58 10.99 -6.30 -8.51
N LYS C 59 11.41 -5.79 -9.65
CA LYS C 59 12.78 -5.68 -10.05
C LYS C 59 12.92 -4.26 -10.60
N PHE C 60 13.95 -3.51 -10.16
CA PHE C 60 14.10 -2.10 -10.50
C PHE C 60 15.51 -1.76 -10.83
N ASP C 61 15.60 -0.72 -11.65
CA ASP C 61 16.85 -0.15 -12.09
C ASP C 61 16.66 1.33 -11.94
N ASP C 62 17.58 1.97 -11.19
CA ASP C 62 17.49 3.38 -10.83
C ASP C 62 18.72 4.13 -11.26
N GLU C 63 18.57 5.44 -11.42
CA GLU C 63 19.70 6.35 -11.58
C GLU C 63 19.71 7.31 -10.39
N LEU C 64 20.91 7.62 -9.85
CA LEU C 64 21.10 8.41 -8.66
C LEU C 64 21.79 9.70 -9.06
N TYR C 65 21.28 10.81 -8.51
CA TYR C 65 21.78 12.13 -8.82
C TYR C 65 22.17 12.92 -7.60
N ASP C 66 23.20 13.76 -7.71
CA ASP C 66 23.64 14.64 -6.67
C ASP C 66 22.88 15.98 -6.64
N GLU C 67 23.32 16.88 -5.77
CA GLU C 67 22.63 18.15 -5.50
CA GLU C 67 22.63 18.15 -5.50
C GLU C 67 22.69 19.08 -6.71
N ALA C 68 23.60 18.80 -7.66
CA ALA C 68 23.75 19.64 -8.86
C ALA C 68 23.08 19.05 -10.09
N GLY C 69 22.37 17.94 -9.90
CA GLY C 69 21.69 17.19 -10.91
C GLY C 69 22.61 16.33 -11.81
N ALA C 70 23.83 16.06 -11.34
CA ALA C 70 24.76 15.16 -12.05
C ALA C 70 24.48 13.72 -11.59
N GLN C 71 24.42 12.80 -12.56
CA GLN C 71 24.32 11.39 -12.26
C GLN C 71 25.59 10.92 -11.51
N ILE C 72 25.41 10.25 -10.38
CA ILE C 72 26.50 9.73 -9.57
C ILE C 72 26.48 8.23 -9.55
N GLY C 73 25.46 7.55 -10.09
CA GLY C 73 25.44 6.09 -10.09
C GLY C 73 24.12 5.52 -10.50
N THR C 74 24.06 4.22 -10.36
CA THR C 74 22.87 3.44 -10.64
C THR C 74 22.66 2.46 -9.52
N SER C 75 21.47 1.92 -9.48
CA SER C 75 21.19 0.78 -8.66
C SER C 75 20.35 -0.22 -9.41
N SER C 76 20.60 -1.47 -9.14
CA SER C 76 19.75 -2.57 -9.60
C SER C 76 19.38 -3.45 -8.44
N GLY C 77 18.11 -3.79 -8.29
CA GLY C 77 17.64 -4.57 -7.19
C GLY C 77 16.29 -5.20 -7.42
N ASN C 78 15.82 -5.87 -6.40
CA ASN C 78 14.54 -6.57 -6.41
C ASN C 78 13.99 -6.63 -4.99
N PHE C 79 12.71 -6.90 -4.87
CA PHE C 79 12.06 -7.07 -3.61
C PHE C 79 10.93 -8.07 -3.73
N ARG C 80 10.52 -8.54 -2.55
CA ARG C 80 9.35 -9.39 -2.36
C ARG C 80 8.65 -9.09 -1.06
N ILE C 81 7.34 -8.84 -1.14
CA ILE C 81 6.50 -8.66 0.01
C ILE C 81 6.30 -10.03 0.64
N GLU C 82 6.72 -10.18 1.91
CA GLU C 82 6.88 -11.50 2.52
C GLU C 82 5.80 -11.83 3.56
N TYR C 83 5.37 -10.89 4.37
CA TYR C 83 4.49 -11.20 5.49
C TYR C 83 3.83 -9.93 5.99
N VAL C 84 2.69 -10.14 6.67
CA VAL C 84 2.00 -9.11 7.40
C VAL C 84 2.47 -9.13 8.84
N ARG C 85 3.03 -8.00 9.26
CA ARG C 85 3.41 -7.80 10.65
C ARG C 85 2.15 -7.60 11.51
N PRO C 86 1.92 -8.50 12.51
CA PRO C 86 0.64 -8.52 13.21
C PRO C 86 0.40 -7.29 14.06
N THR C 87 1.46 -6.59 14.47
CA THR C 87 1.35 -5.49 15.40
C THR C 87 0.65 -4.31 14.76
N ASP C 88 0.90 -4.09 13.47
CA ASP C 88 0.42 -2.88 12.86
C ASP C 88 -0.08 -3.11 11.45
N GLY C 89 -0.11 -4.36 10.98
CA GLY C 89 -0.45 -4.68 9.60
C GLY C 89 0.64 -4.32 8.56
N GLY C 90 1.88 -4.10 9.02
CA GLY C 90 2.93 -3.77 8.04
C GLY C 90 3.10 -4.85 7.00
N LEU C 91 3.27 -4.45 5.73
CA LEU C 91 3.56 -5.34 4.65
C LEU C 91 5.08 -5.47 4.54
N LEU C 92 5.63 -6.42 5.30
CA LEU C 92 7.09 -6.53 5.46
C LEU C 92 7.69 -7.17 4.23
N THR C 93 8.62 -6.42 3.62
CA THR C 93 9.19 -6.60 2.30
C THR C 93 10.71 -6.71 2.40
N TYR C 94 11.26 -7.69 1.69
CA TYR C 94 12.71 -7.89 1.60
C TYR C 94 13.25 -7.32 0.32
N PHE C 95 14.18 -6.35 0.51
CA PHE C 95 14.84 -5.67 -0.59
C PHE C 95 16.27 -6.13 -0.72
N GLN C 96 16.78 -6.19 -1.95
CA GLN C 96 18.19 -6.46 -2.20
C GLN C 96 18.62 -5.65 -3.39
N GLU C 97 19.76 -4.95 -3.31
CA GLU C 97 20.25 -4.22 -4.45
C GLU C 97 21.73 -4.00 -4.42
N ASP C 98 22.22 -3.62 -5.59
CA ASP C 98 23.60 -3.28 -5.77
C ASP C 98 23.63 -1.87 -6.32
N ILE C 99 24.27 -1.00 -5.53
CA ILE C 99 24.45 0.39 -5.91
C ILE C 99 25.82 0.62 -6.47
N THR C 100 25.85 0.96 -7.77
CA THR C 100 27.12 1.21 -8.45
C THR C 100 27.32 2.71 -8.58
N LEU C 101 28.30 3.25 -7.85
CA LEU C 101 28.65 4.65 -7.91
C LEU C 101 29.88 4.75 -8.77
N SER C 102 30.25 5.96 -9.12
CA SER C 102 31.37 6.20 -10.00
C SER C 102 32.67 5.66 -9.43
N ASP C 103 32.84 5.61 -8.09
CA ASP C 103 34.10 5.22 -7.45
C ASP C 103 33.98 3.92 -6.60
N GLY C 104 32.91 3.17 -6.74
CA GLY C 104 32.76 1.97 -5.95
C GLY C 104 31.36 1.39 -6.00
N VAL C 105 31.19 0.22 -5.44
CA VAL C 105 29.94 -0.49 -5.34
C VAL C 105 29.58 -0.74 -3.87
N ILE C 106 28.27 -0.56 -3.60
CA ILE C 106 27.68 -0.75 -2.28
C ILE C 106 26.51 -1.72 -2.43
N HIS C 107 26.56 -2.83 -1.74
CA HIS C 107 25.45 -3.78 -1.65
C HIS C 107 24.53 -3.35 -0.51
N ALA C 108 23.21 -3.50 -0.67
CA ALA C 108 22.31 -3.25 0.44
C ALA C 108 21.15 -4.24 0.42
N GLU C 109 20.75 -4.70 1.57
CA GLU C 109 19.58 -5.58 1.66
C GLU C 109 18.99 -5.58 3.06
N GLY C 110 17.69 -5.88 3.12
CA GLY C 110 16.99 -6.02 4.38
C GLY C 110 15.52 -5.68 4.26
N TRP C 111 14.90 -5.48 5.41
CA TRP C 111 13.47 -5.39 5.61
C TRP C 111 12.99 -3.93 5.54
N ALA C 112 11.84 -3.69 4.88
CA ALA C 112 11.11 -2.44 4.97
C ALA C 112 9.60 -2.75 4.88
N ASP C 113 8.81 -1.90 5.47
CA ASP C 113 7.35 -1.89 5.42
C ASP C 113 6.89 -1.24 4.12
N PHE C 114 6.24 -2.00 3.28
CA PHE C 114 5.70 -1.43 2.06
C PHE C 114 4.61 -0.38 2.34
N ASN C 115 4.01 -0.36 3.52
CA ASN C 115 3.06 0.70 3.85
C ASN C 115 3.78 2.02 3.96
N ASP C 116 5.06 1.96 4.39
CA ASP C 116 5.88 3.17 4.43
C ASP C 116 6.33 3.56 3.03
N VAL C 117 6.67 2.57 2.19
CA VAL C 117 7.11 2.85 0.86
C VAL C 117 6.00 3.62 0.12
N ARG C 118 4.80 3.04 0.17
CA ARG C 118 3.70 3.54 -0.67
C ARG C 118 3.15 4.81 -0.16
N THR C 119 3.41 5.16 1.12
CA THR C 119 2.98 6.43 1.68
C THR C 119 4.08 7.51 1.75
N SER C 120 5.19 7.32 1.01
CA SER C 120 6.22 8.33 0.94
C SER C 120 6.86 8.60 2.32
N LYS C 121 7.09 7.57 3.13
CA LYS C 121 7.87 7.61 4.37
C LYS C 121 9.23 6.92 4.17
N TRP C 122 10.21 7.39 4.95
CA TRP C 122 11.60 6.86 4.81
C TRP C 122 11.61 5.37 5.20
N VAL C 123 12.34 4.58 4.41
CA VAL C 123 12.69 3.21 4.72
C VAL C 123 14.21 3.06 4.69
N PHE C 124 14.71 2.00 5.29
CA PHE C 124 16.17 1.81 5.38
C PHE C 124 16.47 0.33 5.47
N TYR C 125 17.72 -0.03 5.12
CA TYR C 125 18.19 -1.39 5.46
C TYR C 125 19.70 -1.36 5.34
N PRO C 126 20.39 -2.36 5.93
CA PRO C 126 21.84 -2.32 5.96
C PRO C 126 22.50 -2.34 4.60
N ALA C 127 23.67 -1.67 4.56
CA ALA C 127 24.50 -1.52 3.39
C ALA C 127 25.93 -1.92 3.73
N THR C 128 26.58 -2.47 2.71
CA THR C 128 27.96 -2.98 2.83
C THR C 128 28.74 -2.55 1.60
N GLY C 129 29.82 -1.77 1.77
CA GLY C 129 30.66 -1.40 0.68
C GLY C 129 31.43 -2.61 0.20
N VAL C 130 31.44 -2.83 -1.12
CA VAL C 130 32.05 -4.09 -1.63
C VAL C 130 33.17 -3.84 -2.62
N SER C 131 33.38 -2.61 -3.06
CA SER C 131 34.52 -2.24 -3.91
C SER C 131 34.81 -0.78 -3.91
N GLY C 132 35.99 -0.48 -4.45
CA GLY C 132 36.43 0.88 -4.59
C GLY C 132 36.51 1.61 -3.24
N ARG C 133 36.04 2.86 -3.28
CA ARG C 133 36.10 3.76 -2.13
C ARG C 133 35.35 3.19 -0.91
N TYR C 134 34.42 2.29 -1.14
CA TYR C 134 33.52 1.82 -0.08
C TYR C 134 33.94 0.53 0.54
N LEU C 135 35.01 -0.13 -0.02
CA LEU C 135 35.43 -1.42 0.52
C LEU C 135 35.69 -1.36 2.02
N GLY C 136 35.05 -2.22 2.74
CA GLY C 136 35.23 -2.32 4.18
C GLY C 136 34.27 -1.48 5.01
N LEU C 137 33.58 -0.58 4.36
CA LEU C 137 32.70 0.38 5.04
C LEU C 137 31.36 -0.31 5.14
N THR C 138 30.61 -0.03 6.23
CA THR C 138 29.31 -0.66 6.41
C THR C 138 28.37 0.42 7.00
N GLY C 139 27.06 0.27 6.83
CA GLY C 139 26.11 1.24 7.35
C GLY C 139 24.74 0.97 6.79
N PHE C 140 24.14 1.99 6.25
CA PHE C 140 22.72 1.87 5.93
C PHE C 140 22.37 2.61 4.64
N ARG C 141 21.44 2.02 3.89
CA ARG C 141 20.81 2.58 2.72
C ARG C 141 19.45 3.11 3.15
N GLN C 142 19.08 4.33 2.79
CA GLN C 142 17.82 4.96 3.18
C GLN C 142 17.18 5.59 1.96
N TRP C 143 15.86 5.43 1.78
CA TRP C 143 15.19 6.10 0.67
C TRP C 143 13.72 6.37 1.04
N ARG C 144 13.12 7.31 0.29
CA ARG C 144 11.69 7.62 0.41
C ARG C 144 11.15 7.91 -0.97
N MET C 145 10.06 7.25 -1.34
CA MET C 145 9.43 7.42 -2.64
CA MET C 145 9.40 7.44 -2.63
C MET C 145 8.75 8.79 -2.67
N THR C 146 9.00 9.55 -3.76
CA THR C 146 8.32 10.81 -4.01
C THR C 146 7.33 10.63 -5.19
N GLY C 147 7.62 9.73 -6.15
CA GLY C 147 6.79 9.50 -7.35
C GLY C 147 6.63 7.99 -7.65
N VAL C 148 5.38 7.45 -7.68
CA VAL C 148 5.17 6.01 -7.85
C VAL C 148 5.85 5.48 -9.13
N ARG C 149 6.79 4.52 -8.95
CA ARG C 149 7.52 3.94 -10.09
C ARG C 149 8.25 5.01 -10.91
N LYS C 150 8.57 6.14 -10.26
CA LYS C 150 9.11 7.33 -10.86
C LYS C 150 10.40 7.75 -10.13
N SER C 151 10.28 8.13 -8.86
CA SER C 151 11.29 9.02 -8.25
C SER C 151 11.30 8.85 -6.72
N ALA C 152 12.45 9.14 -6.17
CA ALA C 152 12.70 9.00 -4.73
C ALA C 152 13.77 10.01 -4.33
N GLU C 153 13.99 10.13 -3.02
CA GLU C 153 15.16 10.77 -2.44
C GLU C 153 15.85 9.74 -1.54
N ALA C 154 17.18 9.84 -1.37
CA ALA C 154 17.93 8.77 -0.72
C ALA C 154 19.17 9.27 0.00
N ARG C 155 19.70 8.44 0.92
CA ARG C 155 20.91 8.72 1.65
C ARG C 155 21.61 7.39 1.81
N ILE C 156 22.95 7.39 1.80
CA ILE C 156 23.73 6.27 2.18
C ILE C 156 24.70 6.74 3.25
N LEU C 157 24.63 6.12 4.41
CA LEU C 157 25.46 6.45 5.52
C LEU C 157 26.35 5.30 5.89
N LEU C 158 27.64 5.51 5.84
CA LEU C 158 28.63 4.46 6.03
C LEU C 158 29.72 4.84 7.05
N GLY C 159 30.26 3.82 7.74
CA GLY C 159 31.36 4.01 8.67
C GLY C 159 32.34 2.87 8.59
N GLU C 160 33.57 3.17 9.05
CA GLU C 160 34.59 2.13 9.08
C GLU C 160 34.23 1.23 10.28
N PRO D 28 31.75 18.41 10.24
CA PRO D 28 31.38 17.13 9.60
C PRO D 28 29.89 16.95 9.33
N GLN D 29 29.58 16.36 8.17
CA GLN D 29 28.20 16.03 7.86
C GLN D 29 27.84 14.57 8.27
N ALA D 30 28.83 13.73 8.58
CA ALA D 30 28.60 12.40 9.13
C ALA D 30 29.49 12.19 10.36
N LEU D 31 29.00 11.35 11.28
CA LEU D 31 29.71 11.07 12.54
C LEU D 31 29.54 9.61 12.90
N LEU D 32 30.65 8.98 13.30
CA LEU D 32 30.66 7.62 13.73
C LEU D 32 31.14 7.67 15.15
N ILE D 33 30.32 7.18 16.07
CA ILE D 33 30.69 7.00 17.48
C ILE D 33 30.92 5.51 17.70
N LYS D 34 32.20 5.15 17.92
CA LYS D 34 32.54 3.78 18.25
C LYS D 34 32.50 3.58 19.75
N VAL D 35 31.93 2.43 20.14
CA VAL D 35 31.68 2.08 21.54
C VAL D 35 32.17 0.64 21.70
N PRO D 36 33.49 0.46 21.91
CA PRO D 36 34.07 -0.87 21.97
C PRO D 36 33.66 -1.70 23.16
N THR D 37 33.26 -1.02 24.26
CA THR D 37 32.66 -1.68 25.35
C THR D 37 31.43 -0.92 25.88
N GLU D 38 30.34 -1.64 25.98
CA GLU D 38 29.12 -1.18 26.57
C GLU D 38 28.74 -2.24 27.59
N ILE D 39 28.72 -1.82 28.85
CA ILE D 39 28.45 -2.68 30.01
C ILE D 39 27.00 -2.47 30.46
N VAL D 40 26.29 -3.61 30.67
CA VAL D 40 24.94 -3.63 31.20
C VAL D 40 25.07 -3.65 32.72
N VAL D 41 24.89 -2.45 33.31
CA VAL D 41 25.03 -2.28 34.75
C VAL D 41 23.78 -2.84 35.43
N LYS D 42 22.63 -2.73 34.79
CA LYS D 42 21.39 -3.07 35.48
C LYS D 42 20.40 -3.54 34.41
N VAL D 43 19.85 -4.74 34.60
CA VAL D 43 18.82 -5.27 33.74
C VAL D 43 17.76 -5.95 34.61
N VAL D 44 16.50 -5.49 34.48
CA VAL D 44 15.35 -6.09 35.13
C VAL D 44 14.42 -6.56 34.02
N ASP D 45 14.22 -7.88 33.90
CA ASP D 45 13.56 -8.50 32.78
C ASP D 45 12.81 -9.76 33.26
N ASP D 46 11.76 -10.14 32.53
CA ASP D 46 11.09 -11.42 32.69
C ASP D 46 11.34 -12.29 31.45
N VAL D 47 12.54 -12.25 30.88
CA VAL D 47 12.85 -13.00 29.67
C VAL D 47 13.28 -14.39 30.10
N ASP D 48 12.52 -15.40 29.66
CA ASP D 48 12.91 -16.78 29.90
C ASP D 48 14.17 -17.05 29.09
N VAL D 49 15.30 -17.18 29.80
CA VAL D 49 16.62 -17.32 29.19
C VAL D 49 16.61 -18.55 28.30
N ALA D 50 15.97 -19.63 28.76
CA ALA D 50 15.87 -20.88 28.03
C ALA D 50 15.15 -20.67 26.70
N ALA D 51 13.86 -20.29 26.78
CA ALA D 51 13.03 -20.02 25.61
C ALA D 51 12.41 -18.64 25.74
N PRO D 52 13.07 -17.56 25.25
CA PRO D 52 12.45 -16.23 25.20
C PRO D 52 11.16 -16.27 24.39
N ALA D 53 10.15 -15.50 24.79
CA ALA D 53 8.89 -15.51 24.05
C ALA D 53 8.20 -14.16 24.11
N VAL D 54 7.18 -14.05 23.26
CA VAL D 54 6.34 -12.88 23.13
C VAL D 54 5.70 -12.44 24.46
N GLY D 55 5.59 -11.14 24.65
CA GLY D 55 5.10 -10.55 25.87
C GLY D 55 6.18 -10.31 26.91
N GLN D 56 7.34 -10.97 26.79
CA GLN D 56 8.46 -10.69 27.67
C GLN D 56 9.06 -9.31 27.41
N VAL D 57 9.53 -8.71 28.51
CA VAL D 57 9.98 -7.32 28.55
C VAL D 57 11.25 -7.24 29.38
N GLY D 58 11.94 -6.10 29.26
CA GLY D 58 13.22 -5.88 29.91
C GLY D 58 13.48 -4.41 29.99
N LYS D 59 14.24 -4.01 30.98
CA LYS D 59 14.69 -2.64 31.20
C LYS D 59 16.20 -2.73 31.37
N PHE D 60 16.98 -1.76 30.83
CA PHE D 60 18.43 -1.82 30.97
C PHE D 60 18.95 -0.43 31.18
N ASP D 61 20.07 -0.40 31.93
CA ASP D 61 20.93 0.73 32.13
C ASP D 61 22.34 0.28 31.77
N ASP D 62 23.03 1.08 30.94
CA ASP D 62 24.33 0.69 30.38
C ASP D 62 25.27 1.84 30.55
N GLU D 63 26.59 1.50 30.63
CA GLU D 63 27.63 2.46 30.57
C GLU D 63 28.45 2.20 29.32
N LEU D 64 28.83 3.28 28.65
CA LEU D 64 29.46 3.22 27.33
C LEU D 64 30.88 3.72 27.45
N TYR D 65 31.86 3.01 26.81
CA TYR D 65 33.24 3.37 26.87
C TYR D 65 33.91 3.43 25.53
N ASP D 66 34.88 4.35 25.39
CA ASP D 66 35.64 4.56 24.20
C ASP D 66 36.89 3.66 24.14
N GLU D 67 37.73 3.91 23.15
CA GLU D 67 38.83 3.01 22.79
C GLU D 67 39.91 3.02 23.86
N ALA D 68 39.92 4.09 24.64
CA ALA D 68 40.89 4.27 25.72
C ALA D 68 40.37 3.72 27.06
N GLY D 69 39.17 3.18 27.10
CA GLY D 69 38.53 2.74 28.33
C GLY D 69 37.92 3.84 29.22
N ALA D 70 37.72 5.03 28.66
CA ALA D 70 37.10 6.14 29.40
C ALA D 70 35.60 6.12 29.18
N GLN D 71 34.82 6.32 30.25
CA GLN D 71 33.36 6.30 30.11
C GLN D 71 32.94 7.50 29.27
N ILE D 72 32.06 7.28 28.28
CA ILE D 72 31.65 8.38 27.40
C ILE D 72 30.15 8.65 27.57
N GLY D 73 29.42 7.78 28.24
CA GLY D 73 28.03 7.98 28.47
C GLY D 73 27.32 6.84 29.10
N THR D 74 25.99 6.97 29.11
CA THR D 74 25.12 5.93 29.58
C THR D 74 23.96 5.72 28.63
N SER D 75 23.24 4.66 28.81
CA SER D 75 21.98 4.50 28.11
C SER D 75 21.00 3.93 29.07
N SER D 76 19.73 4.34 28.92
CA SER D 76 18.63 3.73 29.62
C SER D 76 17.56 3.39 28.62
N GLY D 77 17.08 2.17 28.65
CA GLY D 77 16.05 1.81 27.71
C GLY D 77 15.30 0.58 28.13
N ASN D 78 14.46 0.12 27.23
CA ASN D 78 13.61 -1.00 27.52
C ASN D 78 13.30 -1.69 26.23
N PHE D 79 12.82 -2.91 26.34
CA PHE D 79 12.40 -3.69 25.19
C PHE D 79 11.18 -4.53 25.52
N ARG D 80 10.46 -4.93 24.47
CA ARG D 80 9.38 -5.91 24.52
C ARG D 80 9.40 -6.82 23.32
N ILE D 81 9.28 -8.14 23.54
CA ILE D 81 9.20 -9.10 22.48
C ILE D 81 7.74 -9.07 22.01
N GLU D 82 7.53 -8.95 20.69
CA GLU D 82 6.22 -8.57 20.19
C GLU D 82 5.59 -9.66 19.34
N TYR D 83 6.36 -10.30 18.48
CA TYR D 83 5.80 -11.21 17.52
C TYR D 83 6.90 -12.07 16.93
N VAL D 84 6.49 -13.21 16.39
CA VAL D 84 7.34 -14.18 15.72
C VAL D 84 7.19 -13.96 14.23
N ARG D 85 8.33 -13.68 13.61
CA ARG D 85 8.40 -13.45 12.19
C ARG D 85 8.24 -14.82 11.53
N PRO D 86 7.27 -15.00 10.61
CA PRO D 86 6.99 -16.35 10.07
C PRO D 86 8.03 -16.88 9.11
N THR D 87 8.85 -16.02 8.51
CA THR D 87 9.83 -16.45 7.50
C THR D 87 11.03 -17.23 8.06
N ASP D 88 11.37 -17.00 9.33
CA ASP D 88 12.57 -17.55 9.90
C ASP D 88 12.40 -17.84 11.39
N GLY D 89 11.22 -17.63 11.96
CA GLY D 89 10.98 -17.75 13.38
C GLY D 89 11.67 -16.66 14.23
N GLY D 90 12.09 -15.54 13.62
CA GLY D 90 12.67 -14.49 14.43
C GLY D 90 11.72 -14.02 15.53
N LEU D 91 12.30 -13.68 16.69
CA LEU D 91 11.60 -13.08 17.79
C LEU D 91 11.74 -11.57 17.72
N LEU D 92 10.79 -10.95 17.02
CA LEU D 92 10.90 -9.54 16.70
C LEU D 92 10.53 -8.74 17.93
N THR D 93 11.47 -7.91 18.37
CA THR D 93 11.43 -7.23 19.65
C THR D 93 11.59 -5.75 19.36
N TYR D 94 10.81 -4.94 20.05
CA TYR D 94 10.90 -3.49 19.93
C TYR D 94 11.69 -2.90 21.08
N PHE D 95 12.78 -2.16 20.69
CA PHE D 95 13.70 -1.50 21.59
C PHE D 95 13.49 -0.01 21.60
N GLN D 96 13.65 0.64 22.73
CA GLN D 96 13.57 2.06 22.90
C GLN D 96 14.62 2.47 23.90
N GLU D 97 15.41 3.48 23.64
CA GLU D 97 16.39 3.91 24.61
C GLU D 97 16.77 5.36 24.38
N ASP D 98 17.28 5.95 25.41
CA ASP D 98 17.91 7.25 25.38
C ASP D 98 19.37 7.08 25.79
N ILE D 99 20.23 7.54 24.92
CA ILE D 99 21.66 7.45 25.09
C ILE D 99 22.18 8.84 25.44
N THR D 100 22.67 8.97 26.71
CA THR D 100 23.20 10.26 27.17
C THR D 100 24.71 10.22 27.12
N LEU D 101 25.29 11.03 26.26
CA LEU D 101 26.71 11.12 26.13
C LEU D 101 27.07 12.43 26.80
N SER D 102 28.36 12.61 26.94
CA SER D 102 29.00 13.77 27.53
C SER D 102 28.51 15.09 26.92
N ASP D 103 28.20 15.09 25.62
CA ASP D 103 27.97 16.30 24.87
C ASP D 103 26.60 16.29 24.15
N GLY D 104 25.70 15.42 24.53
CA GLY D 104 24.34 15.45 23.95
C GLY D 104 23.65 14.15 24.19
N VAL D 105 22.41 14.09 23.73
CA VAL D 105 21.54 12.96 23.92
C VAL D 105 21.01 12.46 22.58
N ILE D 106 20.92 11.13 22.47
CA ILE D 106 20.50 10.47 21.25
C ILE D 106 19.41 9.52 21.63
N HIS D 107 18.25 9.65 20.99
CA HIS D 107 17.18 8.69 21.16
C HIS D 107 17.38 7.62 20.08
N ALA D 108 17.02 6.38 20.39
CA ALA D 108 16.94 5.31 19.44
C ALA D 108 15.85 4.33 19.74
N GLU D 109 15.20 3.84 18.69
CA GLU D 109 14.12 2.87 18.80
C GLU D 109 13.92 2.15 17.51
N GLY D 110 13.44 0.93 17.64
CA GLY D 110 13.09 0.11 16.53
C GLY D 110 13.21 -1.36 16.79
N TRP D 111 13.20 -2.09 15.68
CA TRP D 111 13.02 -3.54 15.67
C TRP D 111 14.36 -4.26 15.73
N ALA D 112 14.43 -5.44 16.42
CA ALA D 112 15.54 -6.36 16.28
C ALA D 112 15.08 -7.78 16.62
N ASP D 113 15.73 -8.74 16.00
CA ASP D 113 15.46 -10.16 16.18
C ASP D 113 16.14 -10.59 17.48
N PHE D 114 15.36 -10.91 18.54
CA PHE D 114 15.96 -11.37 19.79
C PHE D 114 16.84 -12.62 19.63
N ASN D 115 16.67 -13.39 18.56
CA ASN D 115 17.52 -14.55 18.33
C ASN D 115 18.92 -14.06 17.92
N ASP D 116 19.01 -12.92 17.22
CA ASP D 116 20.31 -12.34 16.95
C ASP D 116 20.93 -11.78 18.23
N VAL D 117 20.14 -11.12 19.07
CA VAL D 117 20.58 -10.58 20.32
C VAL D 117 21.32 -11.71 21.04
N ARG D 118 20.67 -12.88 21.07
CA ARG D 118 21.16 -13.94 21.96
C ARG D 118 22.29 -14.74 21.33
N THR D 119 22.50 -14.65 20.02
CA THR D 119 23.62 -15.35 19.39
C THR D 119 24.77 -14.40 19.01
N SER D 120 24.83 -13.21 19.64
CA SER D 120 25.96 -12.30 19.48
C SER D 120 26.12 -11.84 18.03
N LYS D 121 25.01 -11.56 17.34
CA LYS D 121 25.00 -10.95 16.03
C LYS D 121 24.57 -9.50 16.16
N TRP D 122 25.06 -8.67 15.24
CA TRP D 122 24.71 -7.26 15.28
C TRP D 122 23.20 -7.06 15.11
N VAL D 123 22.64 -6.09 15.84
CA VAL D 123 21.27 -5.60 15.67
C VAL D 123 21.38 -4.09 15.54
N PHE D 124 20.32 -3.47 15.05
CA PHE D 124 20.41 -2.04 14.75
C PHE D 124 18.97 -1.50 14.72
N TYR D 125 18.85 -0.19 14.87
CA TYR D 125 17.57 0.51 14.72
C TYR D 125 17.86 1.96 14.60
N PRO D 126 16.88 2.74 14.05
CA PRO D 126 17.10 4.19 13.90
C PRO D 126 17.42 4.91 15.18
N ALA D 127 18.23 5.97 15.03
CA ALA D 127 18.61 6.87 16.06
C ALA D 127 18.38 8.28 15.62
N THR D 128 18.01 9.16 16.58
CA THR D 128 17.74 10.56 16.36
C THR D 128 18.44 11.37 17.45
N GLY D 129 19.31 12.29 17.08
CA GLY D 129 19.92 13.23 17.99
C GLY D 129 18.84 14.21 18.51
N VAL D 130 18.71 14.32 19.84
CA VAL D 130 17.71 15.21 20.45
C VAL D 130 18.31 16.37 21.22
N SER D 131 19.62 16.39 21.53
CA SER D 131 20.22 17.57 22.14
C SER D 131 21.71 17.61 22.01
N GLY D 132 22.25 18.83 22.23
CA GLY D 132 23.66 19.11 22.22
C GLY D 132 24.24 18.87 20.82
N ARG D 133 25.39 18.23 20.78
CA ARG D 133 26.12 17.98 19.54
C ARG D 133 25.22 17.28 18.52
N TYR D 134 24.27 16.48 18.97
CA TYR D 134 23.58 15.55 18.08
C TYR D 134 22.28 16.12 17.56
N LEU D 135 21.85 17.30 18.03
CA LEU D 135 20.65 17.90 17.48
C LEU D 135 20.66 18.00 15.96
N GLY D 136 19.59 17.49 15.36
CA GLY D 136 19.29 17.47 13.96
C GLY D 136 20.08 16.39 13.20
N LEU D 137 20.82 15.54 13.91
CA LEU D 137 21.52 14.42 13.25
C LEU D 137 20.58 13.24 13.34
N THR D 138 20.59 12.34 12.33
CA THR D 138 19.83 11.12 12.43
C THR D 138 20.65 9.99 11.83
N GLY D 139 20.30 8.77 12.16
CA GLY D 139 21.08 7.65 11.68
C GLY D 139 20.64 6.42 12.37
N PHE D 140 21.62 5.68 12.94
CA PHE D 140 21.40 4.31 13.34
C PHE D 140 22.24 3.99 14.56
N ARG D 141 21.62 3.24 15.44
CA ARG D 141 22.22 2.67 16.66
C ARG D 141 22.44 1.18 16.35
N GLN D 142 23.64 0.66 16.66
CA GLN D 142 24.00 -0.73 16.36
C GLN D 142 24.71 -1.29 17.56
N TRP D 143 24.36 -2.52 17.93
CA TRP D 143 25.11 -3.18 19.01
C TRP D 143 25.05 -4.70 18.80
N ARG D 144 26.03 -5.38 19.49
CA ARG D 144 26.16 -6.83 19.50
C ARG D 144 26.58 -7.23 20.93
N MET D 145 25.91 -8.22 21.52
CA MET D 145 26.40 -8.79 22.80
C MET D 145 27.64 -9.63 22.48
N THR D 146 28.68 -9.58 23.35
CA THR D 146 29.89 -10.27 22.97
C THR D 146 29.93 -11.56 23.79
N GLY D 147 31.01 -12.34 23.68
CA GLY D 147 31.23 -13.42 24.63
C GLY D 147 31.19 -13.00 26.11
N VAL D 148 31.59 -11.76 26.40
CA VAL D 148 32.05 -11.32 27.73
C VAL D 148 30.85 -10.88 28.56
N ARG D 149 30.70 -11.48 29.75
CA ARG D 149 29.61 -11.29 30.69
C ARG D 149 29.09 -9.85 30.68
N LYS D 150 27.79 -9.72 30.34
CA LYS D 150 27.06 -8.46 30.45
C LYS D 150 27.66 -7.36 29.58
N SER D 151 28.43 -7.71 28.54
CA SER D 151 29.20 -6.75 27.75
C SER D 151 28.72 -6.78 26.28
N ALA D 152 28.72 -5.60 25.67
CA ALA D 152 28.37 -5.52 24.27
C ALA D 152 29.42 -4.62 23.65
N GLU D 153 29.38 -4.53 22.32
CA GLU D 153 30.08 -3.50 21.61
C GLU D 153 29.02 -2.79 20.75
N ALA D 154 29.28 -1.55 20.40
CA ALA D 154 28.25 -0.77 19.73
C ALA D 154 28.87 0.24 18.81
N ARG D 155 27.96 0.81 17.99
CA ARG D 155 28.32 1.89 17.11
C ARG D 155 27.11 2.81 16.95
N ILE D 156 27.33 4.12 16.83
CA ILE D 156 26.28 5.04 16.48
C ILE D 156 26.73 5.80 15.27
N LEU D 157 25.96 5.73 14.18
CA LEU D 157 26.30 6.33 12.91
C LEU D 157 25.23 7.37 12.62
N LEU D 158 25.61 8.63 12.47
CA LEU D 158 24.74 9.76 12.32
C LEU D 158 25.15 10.64 11.15
N GLY D 159 24.17 11.24 10.55
CA GLY D 159 24.41 12.22 9.51
C GLY D 159 23.43 13.36 9.59
N GLU D 160 23.79 14.46 8.92
CA GLU D 160 22.98 15.67 8.94
C GLU D 160 21.75 15.60 8.03
N1 EPE E . -16.24 7.85 5.13
C2 EPE E . -15.78 6.56 5.60
C3 EPE E . -16.51 5.45 4.88
N4 EPE E . -17.89 5.50 5.28
C5 EPE E . -18.42 6.81 4.91
C6 EPE E . -17.64 7.96 5.52
C7 EPE E . -18.69 4.45 4.63
C8 EPE E . -20.15 4.69 4.92
O8 EPE E . -20.92 3.66 4.38
C9 EPE E . -15.43 8.97 5.69
C10 EPE E . -15.77 10.21 4.91
S EPE E . -15.32 11.69 5.79
O1S EPE E . -14.11 11.39 6.55
O2S EPE E . -15.38 12.79 4.85
O3S EPE E . -16.61 11.80 6.67
H21 EPE E . -14.82 6.47 5.44
H22 EPE E . -15.94 6.47 6.56
H31 EPE E . -16.11 4.59 5.11
H32 EPE E . -16.43 5.58 3.91
H51 EPE E . -19.35 6.88 5.21
H52 EPE E . -18.41 6.91 3.94
H61 EPE E . -18.01 8.80 5.21
H62 EPE E . -17.71 7.92 6.49
H71 EPE E . -18.42 3.58 4.98
H72 EPE E . -18.53 4.46 3.66
H81 EPE E . -20.42 5.54 4.51
H82 EPE E . -20.29 4.75 5.88
HO8 EPE E . -21.68 3.75 4.39
H91 EPE E . -14.48 8.78 5.61
H92 EPE E . -15.65 9.10 6.63
H101 EPE E . -16.72 10.24 4.72
H102 EPE E . -15.29 10.20 4.05
HOS3 EPE E . -17.01 12.37 6.60
N1 EPE F . -14.75 -2.52 -26.00
C2 EPE F . -14.08 -3.79 -26.32
C3 EPE F . -13.57 -3.76 -27.74
N4 EPE F . -12.47 -2.80 -27.91
C5 EPE F . -12.60 -1.73 -26.91
C6 EPE F . -14.05 -1.42 -26.68
C7 EPE F . -11.17 -3.48 -27.81
C8 EPE F . -10.02 -2.64 -28.14
O8 EPE F . -8.93 -3.26 -27.49
C9 EPE F . -16.18 -2.52 -26.34
C10 EPE F . -17.13 -3.07 -25.30
S EPE F . -17.07 -4.82 -25.00
O1S EPE F . -17.09 -5.52 -26.27
O2S EPE F . -15.90 -5.04 -24.21
O3S EPE F . -18.36 -5.11 -24.19
H21 EPE F . -13.32 -3.93 -25.71
H22 EPE F . -14.70 -4.53 -26.21
H31 EPE F . -14.31 -3.53 -28.34
H32 EPE F . -13.26 -4.66 -27.99
H51 EPE F . -12.13 -0.93 -27.22
H52 EPE F . -12.18 -2.02 -26.06
H61 EPE F . -14.12 -0.61 -26.13
H62 EPE F . -14.48 -1.24 -27.54
H71 EPE F . -11.18 -4.25 -28.42
H72 EPE F . -11.07 -3.83 -26.90
H81 EPE F . -10.16 -1.73 -27.81
H82 EPE F . -9.88 -2.62 -29.11
HO8 EPE F . -8.19 -2.78 -27.63
H91 EPE F . -16.29 -3.04 -27.17
H92 EPE F . -16.45 -1.61 -26.54
H101 EPE F . -18.04 -2.85 -25.57
H102 EPE F . -16.96 -2.63 -24.45
HOS3 EPE F . -18.13 -5.29 -23.40
N1 EPE G . 10.55 1.11 -6.16
C2 EPE G . 11.28 0.73 -4.93
C3 EPE G . 12.78 0.72 -5.10
N4 EPE G . 13.30 1.95 -5.72
C5 EPE G . 12.55 2.30 -6.93
C6 EPE G . 11.49 1.27 -7.26
C7 EPE G . 13.42 3.09 -4.80
C8 EPE G . 14.83 3.32 -4.33
O8 EPE G . 15.55 2.10 -4.28
C9 EPE G . 9.52 0.12 -6.50
C10 EPE G . 8.31 0.17 -5.57
S EPE G . 6.88 0.86 -6.37
O1S EPE G . 5.92 1.15 -5.35
O2S EPE G . 7.36 1.98 -7.12
O3S EPE G . 6.35 -0.33 -7.27
H21 EPE G . 11.05 1.36 -4.22
H22 EPE G . 10.99 -0.16 -4.64
H31 EPE G . 13.04 -0.06 -5.65
H32 EPE G . 13.20 0.60 -4.23
H51 EPE G . 13.17 2.37 -7.69
H52 EPE G . 12.12 3.17 -6.82
H61 EPE G . 11.00 1.55 -8.06
H62 EPE G . 11.92 0.41 -7.46
H71 EPE G . 12.85 2.92 -4.02
H72 EPE G . 13.10 3.90 -5.24
H81 EPE G . 14.83 3.73 -3.45
H82 EPE G . 15.28 3.93 -4.95
HO8 EPE G . 16.38 2.37 -4.02
H91 EPE G . 9.90 -0.77 -6.46
H92 EPE G . 9.22 0.27 -7.42
H101 EPE G . 8.52 0.72 -4.79
H102 EPE G . 8.10 -0.73 -5.27
HOS3 EPE G . 6.46 -0.13 -8.07
N1 EPE H . 20.21 -6.64 26.60
C2 EPE H . 21.60 -6.15 26.51
C3 EPE H . 21.86 -5.32 25.27
N4 EPE H . 20.94 -4.18 25.17
C5 EPE H . 19.97 -4.20 26.27
C6 EPE H . 19.26 -5.52 26.48
C7 EPE H . 21.67 -2.92 25.22
C8 EPE H . 22.47 -2.58 24.04
O8 EPE H . 23.86 -2.69 24.33
C9 EPE H . 19.92 -7.69 25.61
C10 EPE H . 18.84 -8.67 26.06
S EPE H . 19.43 -10.00 27.08
O1S EPE H . 20.77 -9.69 27.42
O2S EPE H . 18.44 -10.12 28.11
O3S EPE H . 19.45 -11.30 26.17
H21 EPE H . 21.81 -5.62 27.30
H22 EPE H . 22.20 -6.92 26.50
H31 EPE H . 21.75 -5.88 24.47
H32 EPE H . 22.78 -5.00 25.30
H51 EPE H . 19.28 -3.52 26.09
H52 EPE H . 20.42 -3.94 27.10
H61 EPE H . 18.73 -5.48 27.29
H62 EPE H . 18.66 -5.69 25.73
H71 EPE H . 22.27 -2.94 26.01
H72 EPE H . 21.03 -2.20 25.37
H81 EPE H . 22.27 -1.66 23.75
H82 EPE H . 22.24 -3.18 23.31
HO8 EPE H . 24.27 -2.48 23.59
H91 EPE H . 20.74 -8.19 25.44
H92 EPE H . 19.64 -7.27 24.77
H101 EPE H . 18.42 -9.04 25.27
H102 EPE H . 18.17 -8.17 26.57
HOS3 EPE H . 18.92 -11.82 26.35
#